data_3AS3
#
_entry.id   3AS3
#
_cell.length_a   66.870
_cell.length_b   83.570
_cell.length_c   102.890
_cell.angle_alpha   90.000
_cell.angle_beta   90.000
_cell.angle_gamma   90.000
#
_symmetry.space_group_name_H-M   'P 21 21 21'
#
loop_
_entity.id
_entity.type
_entity.pdbx_description
1 polymer 'Chitinase A'
2 non-polymer 2-(5-isothiocyanato-1-benzofuran-2-yl)-4,5-dihydro-1H-imidazole
3 non-polymer GLYCEROL
4 water water
#
_entity_poly.entity_id   1
_entity_poly.type   'polypeptide(L)'
_entity_poly.pdbx_seq_one_letter_code
;APTAPSIDMYGSNNLQFSKIELAMETTSGYNDMVKYHELAKIKVKFNQWSGTSGDTYNVYFDGVKVATGAITGSQTTASF
EYGQGGLYQMEIEACDATGCSKSAPVEITIADTDGSHLKPLTMNVDPNNKSYNTDPSIVMGTYFVEWGIYGRDYTVDNMP
VDNLTHILYGFIPICGPNESVKSVGGNSFNALQTACRGVNDYEVVIHDPWAAYQKSFPQAGHEYSTPIKGNYAMLMALKQ
RNPDLKIIPSIGGGTLSDPFYDFVDKKNRDTFVASVKKFLKTWKFYDGVDIDWEFPGGGGAAADKGDPVNDGPAYIALMR
ELRVMLDELEAETGRTYELTSAIGVGYDKIEDVDYADAVQYMDYIFAMTYDFYGGWNNVPGHQTALYCGSFMRPGQCDGG
GVDENGEPYKGPAYTADNGIQLLLAQGVPANKLVLGTAMYGRGWEGVTPDTLTDPNDPMTGTATGKLKGSTAQGVWEDGV
IDYKGIKSFMLGANNTGINGFEYGYDAQAEAPWVWNRSTGELITFDDHRSVLAKGNYAKSLGLAGLFSWEIDADNGDILN
AMHEGMAGGVVTPPNRRSHHHHHH
;
_entity_poly.pdbx_strand_id   A
#
loop_
_chem_comp.id
_chem_comp.type
_chem_comp.name
_chem_comp.formula
GOL non-polymer GLYCEROL 'C3 H8 O3'
I5I non-polymer 2-(5-isothiocyanato-1-benzofuran-2-yl)-4,5-dihydro-1H-imidazole 'C12 H9 N3 O S'
#
# COMPACT_ATOMS: atom_id res chain seq x y z
N ALA A 1 21.32 -37.24 36.57
CA ALA A 1 21.95 -38.49 36.07
C ALA A 1 21.55 -38.89 34.62
N PRO A 2 20.45 -38.36 34.07
CA PRO A 2 20.25 -38.63 32.63
C PRO A 2 21.21 -37.77 31.84
N THR A 3 21.57 -38.21 30.64
CA THR A 3 22.35 -37.39 29.67
C THR A 3 21.58 -36.10 29.31
N ALA A 4 22.23 -34.93 29.35
CA ALA A 4 21.63 -33.66 28.90
C ALA A 4 21.27 -33.82 27.43
N PRO A 5 20.03 -33.40 27.06
CA PRO A 5 19.59 -33.42 25.64
C PRO A 5 20.44 -32.51 24.77
N SER A 6 20.65 -32.92 23.53
CA SER A 6 21.14 -32.10 22.43
C SER A 6 19.96 -31.85 21.48
N ILE A 7 19.78 -30.61 21.05
CA ILE A 7 18.70 -30.27 20.15
C ILE A 7 19.05 -30.63 18.71
N ASP A 8 18.18 -31.37 18.04
CA ASP A 8 18.36 -31.62 16.60
C ASP A 8 17.82 -30.38 15.87
N MET A 9 18.72 -29.48 15.54
CA MET A 9 18.36 -28.19 15.02
C MET A 9 17.63 -28.35 13.66
N TYR A 10 18.21 -29.12 12.77
CA TYR A 10 17.58 -29.40 11.47
C TYR A 10 16.34 -30.29 11.52
N GLY A 11 16.27 -31.17 12.52
CA GLY A 11 15.08 -31.96 12.67
C GLY A 11 13.99 -31.10 13.28
N SER A 12 14.32 -29.90 13.78
CA SER A 12 13.30 -29.08 14.46
C SER A 12 13.04 -27.82 13.63
N ASN A 13 13.07 -27.95 12.31
CA ASN A 13 12.85 -26.79 11.44
C ASN A 13 13.74 -25.61 11.78
N ASN A 14 15.03 -25.90 12.06
CA ASN A 14 15.95 -24.88 12.61
C ASN A 14 15.46 -23.98 13.69
N LEU A 15 14.59 -24.47 14.58
CA LEU A 15 14.01 -23.65 15.66
C LEU A 15 13.29 -22.38 15.20
N GLN A 16 12.81 -22.37 13.95
CA GLN A 16 11.93 -21.32 13.43
C GLN A 16 10.49 -21.78 13.50
N PHE A 17 9.71 -21.18 14.38
CA PHE A 17 8.30 -21.51 14.52
C PHE A 17 7.41 -20.30 14.27
N SER A 18 6.11 -20.54 14.19
CA SER A 18 5.24 -19.42 13.80
C SER A 18 3.83 -19.50 14.25
N LYS A 19 3.30 -18.38 14.74
CA LYS A 19 1.86 -18.24 14.92
C LYS A 19 1.09 -18.27 13.59
N ILE A 20 1.74 -17.89 12.50
CA ILE A 20 1.08 -17.92 11.23
C ILE A 20 1.70 -18.94 10.30
N GLU A 21 0.86 -19.76 9.70
CA GLU A 21 1.35 -20.78 8.84
C GLU A 21 1.16 -20.40 7.35
N LEU A 22 2.22 -20.34 6.56
CA LEU A 22 2.11 -19.79 5.22
C LEU A 22 2.64 -20.76 4.17
N ALA A 23 1.90 -21.01 3.11
CA ALA A 23 2.42 -21.88 2.05
C ALA A 23 3.56 -21.15 1.36
N MET A 24 4.69 -21.82 1.21
CA MET A 24 5.87 -21.15 0.68
C MET A 24 6.17 -21.56 -0.75
N GLU A 25 5.58 -22.65 -1.23
CA GLU A 25 6.04 -23.28 -2.47
C GLU A 25 4.85 -23.67 -3.28
N THR A 26 3.90 -22.75 -3.41
CA THR A 26 2.57 -23.10 -3.86
C THR A 26 1.93 -21.80 -4.15
N THR A 27 0.94 -21.83 -5.02
CA THR A 27 0.09 -20.69 -5.26
C THR A 27 -1.28 -21.29 -5.38
N SER A 28 -2.17 -20.88 -4.50
CA SER A 28 -3.45 -21.50 -4.39
C SER A 28 -4.41 -20.48 -3.70
N GLY A 29 -5.57 -20.97 -3.26
CA GLY A 29 -6.55 -20.10 -2.63
C GLY A 29 -6.05 -19.59 -1.29
N TYR A 30 -6.54 -18.39 -0.94
CA TYR A 30 -6.05 -17.68 0.22
C TYR A 30 -6.19 -18.49 1.49
N ASN A 31 -7.39 -19.01 1.74
CA ASN A 31 -7.61 -19.90 2.91
C ASN A 31 -6.77 -21.19 2.96
N ASP A 32 -6.39 -21.75 1.81
CA ASP A 32 -5.40 -22.81 1.77
C ASP A 32 -3.97 -22.36 2.07
N MET A 33 -3.64 -21.08 1.92
CA MET A 33 -2.25 -20.67 1.99
C MET A 33 -1.91 -20.02 3.30
N VAL A 34 -2.92 -19.46 3.94
CA VAL A 34 -2.70 -18.63 5.12
C VAL A 34 -3.59 -19.13 6.26
N LYS A 35 -2.97 -19.56 7.35
CA LYS A 35 -3.75 -19.95 8.52
C LYS A 35 -3.12 -19.37 9.75
N TYR A 36 -3.82 -18.45 10.38
CA TYR A 36 -3.39 -17.86 11.63
C TYR A 36 -3.78 -18.71 12.83
N HIS A 37 -2.88 -18.90 13.79
CA HIS A 37 -3.16 -19.72 14.98
C HIS A 37 -2.96 -18.92 16.23
N GLU A 38 -3.94 -18.94 17.10
CA GLU A 38 -3.83 -18.30 18.43
C GLU A 38 -2.58 -18.75 19.19
N LEU A 39 -2.23 -20.03 19.06
CA LEU A 39 -1.04 -20.59 19.69
C LEU A 39 -0.12 -21.18 18.63
N ALA A 40 1.17 -20.85 18.65
CA ALA A 40 2.08 -21.48 17.69
C ALA A 40 2.28 -22.93 18.06
N LYS A 41 2.32 -23.82 17.05
CA LYS A 41 2.69 -25.21 17.28
C LYS A 41 4.21 -25.39 17.19
N ILE A 42 4.80 -25.80 18.32
CA ILE A 42 6.25 -25.94 18.44
C ILE A 42 6.58 -27.43 18.41
N LYS A 43 7.56 -27.85 17.61
CA LYS A 43 7.94 -29.26 17.53
C LYS A 43 9.45 -29.33 17.65
N VAL A 44 9.96 -29.85 18.76
CA VAL A 44 11.41 -29.80 18.94
C VAL A 44 11.98 -31.18 19.14
N LYS A 45 12.84 -31.63 18.24
CA LYS A 45 13.46 -32.93 18.35
C LYS A 45 14.77 -32.78 19.11
N PHE A 46 15.03 -33.69 20.01
CA PHE A 46 16.28 -33.71 20.71
C PHE A 46 16.78 -35.11 20.91
N ASN A 47 18.09 -35.25 21.04
CA ASN A 47 18.73 -36.58 21.15
C ASN A 47 19.44 -36.76 22.46
N GLN A 48 19.64 -38.02 22.83
CA GLN A 48 20.41 -38.40 24.01
C GLN A 48 21.11 -39.65 23.56
N TRP A 49 22.27 -39.44 22.97
CA TRP A 49 22.93 -40.52 22.27
C TRP A 49 23.65 -41.49 23.17
N SER A 50 24.26 -41.01 24.25
CA SER A 50 24.95 -41.91 25.16
C SER A 50 24.22 -41.89 26.51
N GLY A 51 24.57 -42.82 27.40
CA GLY A 51 24.03 -42.84 28.77
C GLY A 51 22.52 -43.06 28.89
N THR A 52 21.95 -42.61 29.98
CA THR A 52 20.56 -42.97 30.19
C THR A 52 19.70 -41.79 29.73
N SER A 53 18.52 -42.08 29.23
CA SER A 53 17.68 -41.03 28.68
C SER A 53 16.79 -40.34 29.75
N GLY A 54 16.53 -41.03 30.86
CA GLY A 54 15.63 -40.56 31.94
C GLY A 54 14.20 -40.77 31.48
N ASP A 55 13.21 -40.26 32.21
CA ASP A 55 11.79 -40.60 31.94
CA ASP A 55 11.82 -40.63 31.91
C ASP A 55 10.89 -39.44 31.55
N THR A 56 11.25 -38.21 31.93
CA THR A 56 10.46 -37.02 31.59
CA THR A 56 10.46 -37.04 31.54
C THR A 56 11.34 -35.85 31.08
N TYR A 57 10.74 -34.97 30.25
CA TYR A 57 11.46 -33.77 29.81
C TYR A 57 10.65 -32.56 30.25
N ASN A 58 11.31 -31.42 30.50
CA ASN A 58 10.65 -30.11 30.59
C ASN A 58 11.26 -29.13 29.58
N VAL A 59 10.46 -28.17 29.14
CA VAL A 59 11.00 -27.17 28.25
C VAL A 59 10.89 -25.82 28.89
N TYR A 60 11.98 -25.05 28.84
CA TYR A 60 12.01 -23.71 29.36
C TYR A 60 12.31 -22.74 28.25
N PHE A 61 11.60 -21.60 28.26
CA PHE A 61 11.98 -20.37 27.51
C PHE A 61 12.41 -19.32 28.55
N ASP A 62 13.59 -18.73 28.41
CA ASP A 62 14.06 -17.67 29.36
C ASP A 62 13.74 -18.03 30.83
N GLY A 63 13.92 -19.30 31.14
CA GLY A 63 13.80 -19.82 32.50
C GLY A 63 12.42 -20.18 32.96
N VAL A 64 11.40 -19.95 32.15
CA VAL A 64 10.07 -20.30 32.59
C VAL A 64 9.78 -21.65 31.97
N LYS A 65 9.08 -22.51 32.69
CA LYS A 65 8.67 -23.80 32.16
C LYS A 65 7.46 -23.64 31.24
N VAL A 66 7.55 -24.21 30.04
CA VAL A 66 6.44 -24.11 29.09
C VAL A 66 5.94 -25.46 28.54
N ALA A 67 6.59 -26.56 28.83
CA ALA A 67 6.07 -27.84 28.40
C ALA A 67 6.81 -28.95 29.16
N THR A 68 6.17 -30.13 29.17
CA THR A 68 6.70 -31.33 29.81
CA THR A 68 6.62 -31.30 29.88
C THR A 68 6.09 -32.46 29.05
N GLY A 69 6.73 -33.61 29.06
CA GLY A 69 6.17 -34.76 28.41
C GLY A 69 7.04 -35.92 28.78
N ALA A 70 6.78 -37.06 28.15
CA ALA A 70 7.53 -38.29 28.44
C ALA A 70 8.76 -38.43 27.54
N ILE A 71 9.88 -38.85 28.12
CA ILE A 71 10.97 -39.29 27.31
C ILE A 71 10.80 -40.76 27.29
N THR A 72 10.94 -41.37 26.12
CA THR A 72 10.83 -42.82 26.10
CA THR A 72 10.72 -42.80 25.94
C THR A 72 11.96 -43.52 25.33
N GLY A 73 12.75 -42.77 24.55
CA GLY A 73 13.93 -43.37 23.88
C GLY A 73 15.22 -42.57 23.80
N SER A 74 16.12 -42.94 22.91
CA SER A 74 17.28 -42.10 22.69
C SER A 74 16.99 -40.86 21.81
N GLN A 75 15.78 -40.80 21.23
CA GLN A 75 15.31 -39.67 20.43
CA GLN A 75 15.33 -39.63 20.46
C GLN A 75 13.89 -39.23 20.84
N THR A 76 13.67 -37.96 21.11
CA THR A 76 12.35 -37.55 21.54
C THR A 76 11.91 -36.37 20.70
N THR A 77 10.63 -36.34 20.36
CA THR A 77 10.04 -35.17 19.74
C THR A 77 9.12 -34.45 20.72
N ALA A 78 9.51 -33.28 21.19
CA ALA A 78 8.62 -32.48 22.09
C ALA A 78 7.69 -31.57 21.28
N SER A 79 6.37 -31.80 21.38
CA SER A 79 5.39 -30.94 20.71
C SER A 79 4.54 -30.19 21.71
N PHE A 80 4.34 -28.90 21.47
CA PHE A 80 3.49 -28.13 22.36
C PHE A 80 3.15 -26.83 21.70
N GLU A 81 2.53 -25.93 22.46
CA GLU A 81 1.90 -24.74 21.88
C GLU A 81 2.28 -23.58 22.68
N TYR A 82 2.46 -22.45 22.04
CA TYR A 82 2.90 -21.30 22.77
C TYR A 82 2.32 -20.06 22.11
N GLY A 83 1.89 -19.11 22.93
CA GLY A 83 1.10 -17.99 22.43
C GLY A 83 1.75 -16.67 22.15
N GLN A 84 3.02 -16.49 22.47
CA GLN A 84 3.65 -15.18 22.29
CA GLN A 84 3.69 -15.19 22.36
C GLN A 84 4.81 -15.22 21.31
N GLY A 85 4.83 -14.27 20.39
CA GLY A 85 5.90 -14.20 19.39
C GLY A 85 7.15 -13.62 20.01
N GLY A 86 8.31 -13.97 19.50
CA GLY A 86 9.50 -13.39 20.02
C GLY A 86 10.66 -14.32 19.89
N LEU A 87 11.83 -13.87 20.37
CA LEU A 87 13.00 -14.73 20.46
C LEU A 87 13.15 -15.15 21.90
N TYR A 88 13.49 -16.41 22.13
CA TYR A 88 13.62 -16.92 23.49
C TYR A 88 14.80 -17.83 23.58
N GLN A 89 15.41 -17.86 24.76
CA GLN A 89 16.45 -18.83 25.09
C GLN A 89 15.80 -20.13 25.52
N MET A 90 15.91 -21.16 24.71
CA MET A 90 15.27 -22.43 25.08
C MET A 90 16.26 -23.43 25.75
N GLU A 91 15.81 -24.07 26.83
CA GLU A 91 16.56 -25.16 27.42
C GLU A 91 15.62 -26.32 27.56
N ILE A 92 16.12 -27.50 27.26
CA ILE A 92 15.37 -28.71 27.56
C ILE A 92 16.16 -29.55 28.58
N GLU A 93 15.40 -30.06 29.52
CA GLU A 93 15.88 -30.76 30.66
C GLU A 93 15.30 -32.19 30.58
N ALA A 94 16.16 -33.17 30.82
CA ALA A 94 15.74 -34.55 30.92
C ALA A 94 15.86 -34.99 32.40
N CYS A 95 14.78 -35.58 32.91
CA CYS A 95 14.70 -35.96 34.33
C CYS A 95 14.42 -37.46 34.57
N ASP A 96 14.99 -37.94 35.68
CA ASP A 96 14.65 -39.24 36.26
C ASP A 96 14.56 -39.11 37.80
N ALA A 97 14.47 -40.24 38.49
CA ALA A 97 14.17 -40.22 39.90
C ALA A 97 15.37 -39.69 40.69
N THR A 98 16.54 -39.63 40.07
CA THR A 98 17.72 -39.11 40.76
C THR A 98 18.06 -37.65 40.42
N GLY A 99 17.39 -37.04 39.43
CA GLY A 99 17.82 -35.69 39.01
C GLY A 99 17.58 -35.29 37.57
N CYS A 100 17.99 -34.07 37.23
CA CYS A 100 17.70 -33.52 35.93
C CYS A 100 18.95 -33.00 35.30
N SER A 101 19.06 -33.09 33.97
CA SER A 101 20.15 -32.44 33.24
C SER A 101 19.63 -31.55 32.10
N LYS A 102 20.00 -30.28 32.13
CA LYS A 102 19.56 -29.24 31.17
C LYS A 102 20.45 -29.24 29.88
N SER A 103 19.85 -29.08 28.71
CA SER A 103 20.63 -28.74 27.52
C SER A 103 21.22 -27.35 27.74
N ALA A 104 22.33 -27.05 27.02
CA ALA A 104 22.81 -25.68 26.94
C ALA A 104 21.69 -24.91 26.26
N PRO A 105 21.60 -23.58 26.51
CA PRO A 105 20.54 -22.75 25.93
C PRO A 105 20.75 -22.50 24.44
N VAL A 106 19.64 -22.41 23.71
CA VAL A 106 19.66 -22.16 22.27
C VAL A 106 18.47 -21.27 21.92
N GLU A 107 18.69 -20.35 20.98
CA GLU A 107 17.66 -19.38 20.58
C GLU A 107 16.59 -20.04 19.72
N ILE A 108 15.36 -19.99 20.23
CA ILE A 108 14.15 -20.33 19.49
C ILE A 108 13.39 -19.09 18.95
N THR A 109 12.94 -19.19 17.70
CA THR A 109 12.16 -18.11 17.11
C THR A 109 10.69 -18.44 17.00
N ILE A 110 9.83 -17.60 17.57
CA ILE A 110 8.40 -17.71 17.31
C ILE A 110 7.85 -16.47 16.62
N ALA A 111 7.71 -16.55 15.29
CA ALA A 111 7.28 -15.39 14.49
C ALA A 111 5.85 -15.02 14.78
N ASP A 112 5.63 -13.72 14.75
CA ASP A 112 4.24 -13.24 14.74
C ASP A 112 4.19 -12.09 13.79
N THR A 113 2.99 -11.78 13.33
CA THR A 113 2.87 -10.82 12.27
C THR A 113 2.89 -9.36 12.68
N ASP A 114 3.20 -9.08 13.96
CA ASP A 114 3.61 -7.73 14.39
C ASP A 114 5.10 -7.57 14.27
N GLY A 115 5.80 -8.62 13.91
CA GLY A 115 7.25 -8.49 13.75
C GLY A 115 8.01 -8.52 15.08
N SER A 116 7.40 -9.04 16.12
CA SER A 116 8.10 -9.08 17.42
C SER A 116 9.36 -9.96 17.43
N HIS A 117 9.46 -10.88 16.49
CA HIS A 117 10.63 -11.75 16.42
C HIS A 117 11.73 -11.15 15.54
N LEU A 118 11.60 -9.90 15.12
CA LEU A 118 12.54 -9.34 14.09
C LEU A 118 13.35 -8.11 14.52
N LYS A 119 14.56 -7.97 13.99
CA LYS A 119 15.30 -6.72 14.21
C LYS A 119 14.72 -5.61 13.36
N PRO A 120 14.94 -4.36 13.77
CA PRO A 120 14.68 -3.21 12.89
C PRO A 120 15.23 -3.46 11.49
N LEU A 121 14.45 -3.09 10.47
CA LEU A 121 14.89 -3.24 9.08
C LEU A 121 16.14 -2.43 8.78
N THR A 122 16.98 -2.92 7.89
CA THR A 122 18.16 -2.21 7.43
C THR A 122 17.85 -1.49 6.13
N MET A 123 18.03 -0.18 6.11
CA MET A 123 17.56 0.66 5.01
C MET A 123 18.58 0.77 3.84
N ASN A 124 18.10 1.00 2.64
CA ASN A 124 18.97 1.27 1.53
C ASN A 124 18.29 2.32 0.64
N VAL A 125 18.19 3.53 1.21
CA VAL A 125 17.44 4.64 0.64
C VAL A 125 18.32 5.55 -0.24
N ASP A 126 17.92 5.80 -1.51
CA ASP A 126 18.64 6.76 -2.36
C ASP A 126 19.01 8.04 -1.51
N PRO A 127 20.32 8.40 -1.43
CA PRO A 127 20.63 9.50 -0.50
C PRO A 127 20.13 10.85 -1.01
N ASN A 128 19.66 10.92 -2.26
CA ASN A 128 18.90 12.06 -2.79
C ASN A 128 17.63 12.44 -1.98
N ASN A 129 17.13 11.53 -1.15
CA ASN A 129 16.08 11.84 -0.13
C ASN A 129 16.72 12.53 1.08
N LYS A 130 16.33 13.78 1.35
CA LYS A 130 17.00 14.53 2.44
C LYS A 130 16.36 14.33 3.80
N SER A 131 16.96 14.85 4.86
CA SER A 131 16.33 14.85 6.19
C SER A 131 15.56 16.12 6.45
N TYR A 132 14.41 15.99 7.11
CA TYR A 132 13.63 17.13 7.49
C TYR A 132 13.17 17.00 8.91
N ASN A 133 12.76 18.13 9.48
CA ASN A 133 12.18 18.13 10.80
C ASN A 133 10.79 18.72 10.63
N THR A 134 9.95 17.99 9.91
CA THR A 134 8.60 18.41 9.60
C THR A 134 7.76 18.02 10.80
N ASP A 135 6.86 18.92 11.19
CA ASP A 135 5.94 18.73 12.32
C ASP A 135 5.30 17.35 12.24
N PRO A 136 5.41 16.57 13.34
CA PRO A 136 4.92 15.19 13.36
C PRO A 136 3.41 15.12 13.19
N SER A 137 2.71 16.23 13.41
CA SER A 137 1.25 16.28 13.25
C SER A 137 0.80 16.31 11.76
N ILE A 138 1.71 16.65 10.83
CA ILE A 138 1.34 16.77 9.42
C ILE A 138 1.48 15.42 8.72
N VAL A 139 0.50 15.09 7.88
CA VAL A 139 0.50 13.81 7.17
C VAL A 139 1.38 13.88 5.92
N MET A 140 2.23 12.88 5.77
CA MET A 140 3.14 12.79 4.65
C MET A 140 3.03 11.33 4.25
N GLY A 141 2.13 11.07 3.30
CA GLY A 141 1.81 9.70 2.94
C GLY A 141 2.29 9.29 1.56
N THR A 142 2.35 8.00 1.35
CA THR A 142 2.63 7.55 0.01
C THR A 142 2.10 6.17 -0.17
N TYR A 143 1.95 5.76 -1.43
CA TYR A 143 1.57 4.39 -1.74
C TYR A 143 2.81 3.61 -2.14
N PHE A 144 2.87 2.39 -1.66
CA PHE A 144 3.91 1.52 -2.03
C PHE A 144 3.15 0.37 -2.68
N VAL A 145 3.49 0.06 -3.92
CA VAL A 145 2.78 -0.94 -4.65
C VAL A 145 3.45 -2.32 -4.65
N GLU A 146 2.68 -3.37 -4.31
CA GLU A 146 3.16 -4.74 -4.15
C GLU A 146 4.03 -5.22 -5.33
N TRP A 147 3.56 -4.95 -6.55
CA TRP A 147 4.25 -5.38 -7.75
C TRP A 147 5.43 -4.51 -8.14
N GLY A 148 5.72 -3.49 -7.34
CA GLY A 148 6.86 -2.61 -7.58
C GLY A 148 8.16 -3.36 -7.47
N ILE A 149 8.09 -4.56 -6.90
CA ILE A 149 9.33 -5.26 -6.57
C ILE A 149 9.83 -6.04 -7.81
N TYR A 150 9.03 -6.03 -8.88
CA TYR A 150 9.47 -6.75 -10.05
C TYR A 150 10.33 -5.91 -10.95
N GLY A 151 9.84 -5.64 -12.17
CA GLY A 151 10.60 -4.83 -13.12
C GLY A 151 11.10 -3.52 -12.51
N ARG A 152 10.25 -2.83 -11.71
CA ARG A 152 10.63 -1.52 -11.15
C ARG A 152 11.72 -1.71 -10.09
N ASP A 153 11.83 -2.91 -9.53
CA ASP A 153 12.95 -3.25 -8.67
C ASP A 153 13.08 -2.42 -7.37
N TYR A 154 11.94 -2.00 -6.85
CA TYR A 154 11.94 -1.11 -5.72
C TYR A 154 11.32 -1.86 -4.54
N THR A 155 12.08 -1.99 -3.46
CA THR A 155 11.69 -2.83 -2.34
C THR A 155 11.43 -2.00 -1.07
N VAL A 156 10.86 -2.61 -0.05
CA VAL A 156 10.49 -1.87 1.17
C VAL A 156 11.63 -1.04 1.78
N ASP A 157 12.84 -1.60 1.75
CA ASP A 157 14.01 -0.96 2.35
C ASP A 157 14.52 0.28 1.58
N ASN A 158 14.11 0.43 0.31
CA ASN A 158 14.37 1.65 -0.46
C ASN A 158 13.48 2.82 -0.06
N MET A 159 12.38 2.59 0.67
CA MET A 159 11.49 3.73 1.03
C MET A 159 12.16 4.67 2.00
N PRO A 160 12.08 5.97 1.73
CA PRO A 160 12.57 6.91 2.75
C PRO A 160 11.61 7.00 3.94
N VAL A 161 11.58 5.99 4.78
CA VAL A 161 10.61 5.97 5.86
C VAL A 161 10.64 7.11 6.86
N ASP A 162 11.77 7.82 6.99
CA ASP A 162 11.79 8.88 8.00
C ASP A 162 11.04 10.11 7.53
N ASN A 163 10.84 10.20 6.22
CA ASN A 163 10.05 11.26 5.63
C ASN A 163 8.57 10.92 5.38
N LEU A 164 8.00 10.00 6.17
CA LEU A 164 6.67 9.46 5.90
C LEU A 164 5.96 9.17 7.21
N THR A 165 4.67 9.48 7.26
CA THR A 165 3.89 9.15 8.45
C THR A 165 3.00 7.92 8.14
N HIS A 166 2.68 7.76 6.87
CA HIS A 166 1.73 6.76 6.41
C HIS A 166 2.20 6.10 5.14
N ILE A 167 2.25 4.77 5.13
CA ILE A 167 2.48 3.97 3.94
CA ILE A 167 2.45 4.04 3.89
C ILE A 167 1.17 3.32 3.55
N LEU A 168 0.70 3.52 2.34
CA LEU A 168 -0.49 2.80 1.97
C LEU A 168 -0.03 1.63 1.13
N TYR A 169 -0.44 0.43 1.45
CA TYR A 169 0.08 -0.69 0.69
C TYR A 169 -0.96 -1.13 -0.32
N GLY A 170 -0.62 -0.93 -1.59
CA GLY A 170 -1.51 -1.20 -2.69
C GLY A 170 -1.14 -2.48 -3.44
N PHE A 171 -2.14 -3.34 -3.73
CA PHE A 171 -3.55 -3.22 -3.37
C PHE A 171 -4.08 -4.56 -3.00
N ILE A 172 -5.08 -4.52 -2.14
CA ILE A 172 -5.71 -5.70 -1.66
C ILE A 172 -7.01 -5.85 -2.45
N PRO A 173 -7.11 -6.93 -3.21
CA PRO A 173 -8.34 -7.14 -3.94
C PRO A 173 -9.49 -7.75 -3.09
N ILE A 174 -10.69 -7.74 -3.65
CA ILE A 174 -11.86 -8.38 -3.07
C ILE A 174 -12.35 -9.53 -4.02
N CYS A 175 -12.63 -10.73 -3.50
CA CYS A 175 -13.19 -11.77 -4.38
C CYS A 175 -14.56 -11.41 -4.85
N GLY A 176 -14.95 -11.96 -5.99
CA GLY A 176 -16.27 -11.66 -6.58
C GLY A 176 -16.08 -11.17 -8.02
N PRO A 177 -17.04 -10.37 -8.52
CA PRO A 177 -16.99 -9.87 -9.90
C PRO A 177 -15.74 -8.99 -10.12
N ASN A 178 -14.97 -9.23 -11.16
CA ASN A 178 -13.70 -8.50 -11.33
C ASN A 178 -13.36 -8.50 -12.79
N GLU A 179 -14.38 -8.35 -13.63
CA GLU A 179 -14.18 -8.20 -15.09
C GLU A 179 -13.16 -7.12 -15.40
N SER A 180 -13.20 -6.01 -14.67
CA SER A 180 -12.28 -4.90 -14.94
C SER A 180 -10.83 -5.33 -14.80
N VAL A 181 -10.54 -6.26 -13.88
CA VAL A 181 -9.15 -6.79 -13.71
C VAL A 181 -8.76 -7.56 -14.95
N LYS A 182 -9.73 -8.21 -15.58
CA LYS A 182 -9.49 -8.99 -16.78
C LYS A 182 -9.00 -8.07 -17.89
N SER A 183 -9.61 -6.91 -17.98
CA SER A 183 -9.36 -6.02 -19.11
C SER A 183 -7.96 -5.50 -19.13
N VAL A 184 -7.24 -5.74 -18.05
CA VAL A 184 -5.89 -5.24 -17.90
C VAL A 184 -4.89 -6.13 -18.63
N GLY A 185 -5.31 -7.35 -18.99
CA GLY A 185 -4.35 -8.37 -19.46
C GLY A 185 -3.36 -8.87 -18.39
N GLY A 186 -2.27 -9.52 -18.83
CA GLY A 186 -1.27 -10.15 -17.95
C GLY A 186 -1.82 -11.33 -17.11
N ASN A 187 -1.11 -11.62 -16.03
CA ASN A 187 -1.53 -12.73 -15.15
C ASN A 187 -2.48 -12.21 -14.05
N SER A 188 -2.71 -10.92 -14.06
CA SER A 188 -3.38 -10.27 -12.92
C SER A 188 -4.77 -10.86 -12.53
N PHE A 189 -5.65 -11.13 -13.50
CA PHE A 189 -6.95 -11.76 -13.19
C PHE A 189 -6.81 -13.25 -12.87
N ASN A 190 -5.89 -13.89 -13.55
CA ASN A 190 -5.61 -15.25 -13.25
C ASN A 190 -5.15 -15.45 -11.77
N ALA A 191 -4.22 -14.61 -11.35
CA ALA A 191 -3.73 -14.63 -9.97
C ALA A 191 -4.88 -14.37 -9.02
N LEU A 192 -5.78 -13.44 -9.38
CA LEU A 192 -6.95 -13.19 -8.51
C LEU A 192 -7.93 -14.39 -8.48
N GLN A 193 -8.20 -14.98 -9.62
CA GLN A 193 -8.99 -16.24 -9.65
C GLN A 193 -8.40 -17.33 -8.72
N THR A 194 -7.08 -17.54 -8.80
CA THR A 194 -6.37 -18.47 -7.92
C THR A 194 -6.61 -18.14 -6.45
N ALA A 195 -6.25 -16.91 -6.05
CA ALA A 195 -6.42 -16.43 -4.66
C ALA A 195 -7.86 -16.58 -4.12
N CYS A 196 -8.85 -16.55 -5.00
CA CYS A 196 -10.24 -16.62 -4.57
C CYS A 196 -10.83 -18.04 -4.53
N ARG A 197 -10.11 -19.03 -5.06
CA ARG A 197 -10.60 -20.41 -4.94
C ARG A 197 -10.83 -20.80 -3.48
N GLY A 198 -12.01 -21.32 -3.16
CA GLY A 198 -12.26 -21.76 -1.82
C GLY A 198 -12.57 -20.58 -0.92
N VAL A 199 -12.64 -19.36 -1.48
CA VAL A 199 -12.92 -18.15 -0.69
C VAL A 199 -14.28 -17.57 -1.04
N ASN A 200 -15.04 -17.15 -0.04
CA ASN A 200 -16.31 -16.47 -0.35
C ASN A 200 -16.17 -15.18 -1.11
N ASP A 201 -17.08 -15.00 -2.05
CA ASP A 201 -17.27 -13.67 -2.64
C ASP A 201 -17.33 -12.57 -1.58
N TYR A 202 -16.77 -11.39 -1.93
CA TYR A 202 -16.65 -10.19 -1.06
C TYR A 202 -15.68 -10.22 0.10
N GLU A 203 -14.85 -11.24 0.19
CA GLU A 203 -13.85 -11.26 1.20
C GLU A 203 -12.56 -10.74 0.61
N VAL A 204 -11.71 -10.12 1.43
CA VAL A 204 -10.41 -9.68 0.93
C VAL A 204 -9.41 -10.83 0.79
N VAL A 205 -8.51 -10.72 -0.19
CA VAL A 205 -7.41 -11.69 -0.29
C VAL A 205 -6.11 -11.01 -0.63
N ILE A 206 -5.00 -11.72 -0.45
CA ILE A 206 -3.72 -11.19 -0.89
C ILE A 206 -3.57 -11.50 -2.39
N HIS A 207 -3.13 -10.51 -3.15
CA HIS A 207 -3.17 -10.69 -4.61
C HIS A 207 -2.01 -11.53 -5.11
N ASP A 208 -0.83 -11.23 -4.57
CA ASP A 208 0.39 -11.84 -5.00
C ASP A 208 1.16 -12.31 -3.75
N PRO A 209 0.90 -13.56 -3.34
CA PRO A 209 1.51 -14.08 -2.11
C PRO A 209 3.01 -14.20 -2.25
N TRP A 210 3.47 -14.35 -3.47
CA TRP A 210 4.91 -14.36 -3.72
C TRP A 210 5.53 -13.02 -3.27
N ALA A 211 5.02 -11.93 -3.81
CA ALA A 211 5.53 -10.60 -3.41
C ALA A 211 5.25 -10.29 -1.93
N ALA A 212 4.22 -10.90 -1.37
CA ALA A 212 3.74 -10.45 -0.07
C ALA A 212 4.45 -11.20 1.02
N TYR A 213 4.56 -12.53 0.87
CA TYR A 213 5.17 -13.28 2.01
C TYR A 213 6.08 -14.45 1.66
N GLN A 214 6.26 -14.75 0.38
CA GLN A 214 7.11 -15.89 -0.07
C GLN A 214 8.49 -15.46 -0.54
N LYS A 215 8.57 -14.38 -1.33
CA LYS A 215 9.84 -14.00 -1.87
C LYS A 215 10.85 -13.70 -0.76
N SER A 216 11.95 -14.40 -0.89
CA SER A 216 13.09 -14.24 -0.01
C SER A 216 13.96 -13.02 -0.37
N PHE A 217 14.13 -12.07 0.56
CA PHE A 217 14.95 -10.88 0.36
C PHE A 217 16.22 -10.98 1.16
N PRO A 218 17.37 -11.15 0.47
CA PRO A 218 18.69 -11.23 1.16
C PRO A 218 18.92 -10.04 2.08
N GLN A 219 18.67 -8.82 1.57
CA GLN A 219 18.92 -7.60 2.39
C GLN A 219 18.15 -7.61 3.72
N ALA A 220 17.10 -8.43 3.81
CA ALA A 220 16.33 -8.53 5.06
C ALA A 220 16.84 -9.69 5.90
N GLY A 221 17.80 -10.44 5.37
CA GLY A 221 18.31 -11.62 6.08
C GLY A 221 17.37 -12.84 6.04
N HIS A 222 16.48 -12.89 5.06
CA HIS A 222 15.61 -14.06 4.91
C HIS A 222 16.39 -15.27 4.43
N GLU A 223 16.15 -16.43 5.05
CA GLU A 223 16.71 -17.68 4.53
C GLU A 223 15.68 -18.79 4.57
N TYR A 224 16.00 -19.95 4.01
CA TYR A 224 14.98 -20.97 3.72
C TYR A 224 13.91 -21.17 4.81
N SER A 225 14.32 -21.24 6.06
CA SER A 225 13.42 -21.55 7.16
CA SER A 225 13.42 -21.54 7.16
C SER A 225 12.66 -20.34 7.73
N THR A 226 13.04 -19.11 7.33
CA THR A 226 12.30 -17.91 7.79
C THR A 226 10.78 -18.06 7.54
N PRO A 227 9.98 -17.99 8.60
CA PRO A 227 8.57 -18.34 8.45
C PRO A 227 7.67 -17.28 7.75
N ILE A 228 8.18 -16.05 7.63
CA ILE A 228 7.50 -14.97 6.96
C ILE A 228 8.57 -14.25 6.17
N LYS A 229 8.37 -14.15 4.86
CA LYS A 229 9.29 -13.44 3.96
C LYS A 229 8.52 -12.35 3.18
N GLY A 230 9.01 -11.97 2.02
CA GLY A 230 8.35 -11.00 1.18
C GLY A 230 8.20 -9.58 1.73
N ASN A 231 7.31 -8.79 1.07
CA ASN A 231 7.07 -7.39 1.47
C ASN A 231 6.54 -7.36 2.88
N TYR A 232 5.69 -8.29 3.23
CA TYR A 232 5.12 -8.24 4.59
C TYR A 232 6.15 -8.39 5.71
N ALA A 233 7.10 -9.31 5.59
CA ALA A 233 8.16 -9.43 6.63
C ALA A 233 9.03 -8.20 6.69
N MET A 234 9.34 -7.62 5.54
CA MET A 234 10.09 -6.40 5.56
C MET A 234 9.34 -5.26 6.23
N LEU A 235 8.03 -5.16 6.00
CA LEU A 235 7.16 -4.15 6.60
C LEU A 235 7.00 -4.45 8.12
N MET A 236 7.01 -5.72 8.48
CA MET A 236 7.14 -6.02 9.90
C MET A 236 8.50 -5.52 10.48
N ALA A 237 9.62 -5.74 9.79
CA ALA A 237 10.93 -5.29 10.32
C ALA A 237 10.90 -3.78 10.32
N LEU A 238 10.33 -3.20 9.25
CA LEU A 238 10.09 -1.74 9.20
C LEU A 238 9.32 -1.16 10.44
N LYS A 239 8.23 -1.80 10.89
CA LYS A 239 7.53 -1.35 12.10
CA LYS A 239 7.52 -1.33 12.10
C LYS A 239 8.40 -1.41 13.36
N GLN A 240 9.36 -2.33 13.38
CA GLN A 240 10.30 -2.41 14.50
C GLN A 240 11.23 -1.20 14.50
N ARG A 241 11.61 -0.72 13.33
CA ARG A 241 12.53 0.40 13.22
C ARG A 241 11.83 1.74 13.47
N ASN A 242 10.59 1.88 12.98
CA ASN A 242 9.80 3.10 13.08
C ASN A 242 8.44 2.75 13.61
N PRO A 243 8.33 2.52 14.94
CA PRO A 243 7.01 2.08 15.49
C PRO A 243 5.84 3.10 15.31
N ASP A 244 6.15 4.37 15.09
CA ASP A 244 5.08 5.36 14.83
C ASP A 244 4.63 5.53 13.39
N LEU A 245 5.29 4.80 12.49
CA LEU A 245 4.89 4.75 11.12
C LEU A 245 3.55 4.00 11.00
N LYS A 246 2.56 4.62 10.35
CA LYS A 246 1.28 3.94 10.09
C LYS A 246 1.35 3.19 8.74
N ILE A 247 1.07 1.90 8.73
CA ILE A 247 1.14 1.15 7.50
C ILE A 247 -0.26 0.67 7.26
N ILE A 248 -0.82 0.98 6.09
CA ILE A 248 -2.26 0.71 5.91
C ILE A 248 -2.54 -0.02 4.62
N PRO A 249 -3.30 -1.13 4.66
CA PRO A 249 -3.62 -1.83 3.40
C PRO A 249 -4.64 -1.03 2.54
N SER A 250 -4.43 -0.98 1.24
CA SER A 250 -5.37 -0.24 0.42
C SER A 250 -6.19 -1.24 -0.38
N ILE A 251 -7.49 -1.14 -0.25
CA ILE A 251 -8.36 -2.18 -0.70
C ILE A 251 -9.09 -1.65 -1.91
N GLY A 252 -9.12 -2.37 -3.00
CA GLY A 252 -9.72 -1.82 -4.22
C GLY A 252 -8.67 -1.09 -5.05
N GLY A 253 -8.97 0.11 -5.52
CA GLY A 253 -8.04 0.77 -6.46
C GLY A 253 -8.72 0.78 -7.82
N GLY A 254 -8.11 1.43 -8.80
CA GLY A 254 -8.69 1.51 -10.16
C GLY A 254 -9.29 0.24 -10.77
N THR A 255 -8.54 -0.85 -10.87
CA THR A 255 -9.13 -1.98 -11.54
C THR A 255 -9.76 -2.99 -10.62
N LEU A 256 -9.58 -2.82 -9.31
CA LEU A 256 -10.02 -3.81 -8.33
C LEU A 256 -11.27 -3.38 -7.58
N SER A 257 -12.01 -2.45 -8.16
CA SER A 257 -13.20 -1.87 -7.54
C SER A 257 -14.56 -2.48 -7.91
N ASP A 258 -14.60 -3.43 -8.85
CA ASP A 258 -15.89 -4.04 -9.25
C ASP A 258 -16.72 -4.62 -8.07
N PRO A 259 -16.07 -5.30 -7.11
CA PRO A 259 -17.01 -5.77 -6.04
C PRO A 259 -17.66 -4.70 -5.17
N PHE A 260 -17.08 -3.52 -5.02
CA PHE A 260 -17.73 -2.48 -4.21
C PHE A 260 -19.16 -2.18 -4.73
N TYR A 261 -19.43 -2.35 -6.00
CA TYR A 261 -20.76 -1.98 -6.49
C TYR A 261 -21.87 -2.87 -5.95
N ASP A 262 -21.54 -4.00 -5.32
CA ASP A 262 -22.56 -4.89 -4.72
C ASP A 262 -22.63 -4.63 -3.23
N PHE A 263 -22.05 -3.53 -2.82
CA PHE A 263 -22.18 -3.20 -1.44
C PHE A 263 -23.49 -2.50 -1.15
N VAL A 264 -24.30 -2.25 -2.15
CA VAL A 264 -25.67 -1.87 -1.84
C VAL A 264 -26.45 -3.00 -1.05
N ASP A 265 -26.00 -4.26 -1.20
CA ASP A 265 -26.48 -5.39 -0.38
C ASP A 265 -25.67 -5.47 0.92
N LYS A 266 -26.32 -5.27 2.06
CA LYS A 266 -25.65 -5.33 3.36
C LYS A 266 -24.98 -6.67 3.72
N LYS A 267 -25.54 -7.81 3.30
CA LYS A 267 -24.80 -9.08 3.47
C LYS A 267 -23.39 -9.00 2.93
N ASN A 268 -23.23 -8.57 1.69
CA ASN A 268 -21.94 -8.35 1.07
C ASN A 268 -21.06 -7.48 1.95
N ARG A 269 -21.57 -6.35 2.45
CA ARG A 269 -20.76 -5.53 3.32
C ARG A 269 -20.32 -6.27 4.58
N ASP A 270 -21.23 -7.07 5.16
CA ASP A 270 -20.97 -7.77 6.41
C ASP A 270 -19.88 -8.79 6.16
N THR A 271 -19.96 -9.47 5.03
CA THR A 271 -18.94 -10.44 4.67
C THR A 271 -17.54 -9.78 4.56
N PHE A 272 -17.50 -8.68 3.81
CA PHE A 272 -16.30 -7.93 3.61
C PHE A 272 -15.77 -7.41 4.94
N VAL A 273 -16.64 -6.71 5.67
CA VAL A 273 -16.19 -6.15 6.94
C VAL A 273 -15.57 -7.19 7.88
N ALA A 274 -16.15 -8.40 7.89
CA ALA A 274 -15.70 -9.47 8.78
C ALA A 274 -14.37 -10.04 8.24
N SER A 275 -14.20 -10.05 6.91
CA SER A 275 -12.93 -10.51 6.35
C SER A 275 -11.84 -9.49 6.58
N VAL A 276 -12.21 -8.21 6.67
CA VAL A 276 -11.19 -7.18 6.99
C VAL A 276 -10.74 -7.33 8.44
N LYS A 277 -11.67 -7.54 9.35
CA LYS A 277 -11.28 -7.80 10.73
C LYS A 277 -10.31 -9.01 10.82
N LYS A 278 -10.62 -10.10 10.12
CA LYS A 278 -9.82 -11.28 10.21
C LYS A 278 -8.44 -10.96 9.66
N PHE A 279 -8.43 -10.24 8.54
CA PHE A 279 -7.21 -9.84 7.89
C PHE A 279 -6.34 -9.04 8.84
N LEU A 280 -6.91 -8.10 9.56
CA LEU A 280 -6.04 -7.37 10.47
C LEU A 280 -5.61 -8.21 11.70
N LYS A 281 -6.39 -9.21 12.06
CA LYS A 281 -5.94 -10.09 13.14
C LYS A 281 -4.87 -11.05 12.67
N THR A 282 -4.80 -11.27 11.36
CA THR A 282 -3.87 -12.20 10.78
C THR A 282 -2.59 -11.44 10.60
N TRP A 283 -2.68 -10.22 10.10
CA TRP A 283 -1.47 -9.42 9.76
C TRP A 283 -1.37 -8.20 10.66
N LYS A 284 -0.74 -8.39 11.80
CA LYS A 284 -0.82 -7.45 12.88
C LYS A 284 0.01 -6.21 12.67
N PHE A 285 0.90 -6.21 11.67
CA PHE A 285 1.65 -4.98 11.44
C PHE A 285 0.78 -3.87 10.83
N TYR A 286 -0.38 -4.21 10.26
CA TYR A 286 -1.25 -3.19 9.70
C TYR A 286 -2.04 -2.42 10.77
N ASP A 287 -2.22 -1.12 10.54
CA ASP A 287 -2.72 -0.15 11.52
C ASP A 287 -4.07 0.47 11.18
N GLY A 288 -4.76 -0.09 10.19
CA GLY A 288 -6.09 0.41 9.84
C GLY A 288 -6.53 -0.15 8.50
N VAL A 289 -7.38 0.59 7.81
CA VAL A 289 -7.77 0.19 6.51
C VAL A 289 -8.04 1.37 5.65
N ASP A 290 -7.67 1.24 4.39
CA ASP A 290 -7.91 2.30 3.41
C ASP A 290 -8.83 1.76 2.30
N ILE A 291 -9.93 2.45 2.02
CA ILE A 291 -10.88 1.99 1.02
C ILE A 291 -10.69 2.85 -0.21
N ASP A 292 -10.30 2.22 -1.33
CA ASP A 292 -10.19 2.93 -2.61
C ASP A 292 -11.23 2.44 -3.58
N TRP A 293 -12.48 2.89 -3.39
CA TRP A 293 -13.60 2.51 -4.25
C TRP A 293 -13.60 3.53 -5.37
N GLU A 294 -13.20 3.11 -6.56
CA GLU A 294 -13.20 3.98 -7.72
CA GLU A 294 -13.24 4.01 -7.68
C GLU A 294 -14.30 3.48 -8.68
N PHE A 295 -15.52 4.07 -8.66
CA PHE A 295 -16.00 5.17 -7.77
C PHE A 295 -17.45 4.93 -7.50
N PRO A 296 -17.89 5.24 -6.25
CA PRO A 296 -19.32 5.28 -5.95
C PRO A 296 -20.06 6.11 -7.00
N GLY A 297 -21.12 5.54 -7.56
CA GLY A 297 -21.89 6.23 -8.57
C GLY A 297 -21.43 5.87 -9.98
N GLY A 298 -20.23 5.29 -10.10
CA GLY A 298 -19.72 4.90 -11.40
C GLY A 298 -18.73 5.89 -12.00
N GLY A 299 -18.49 5.73 -13.30
CA GLY A 299 -17.49 6.52 -13.98
C GLY A 299 -16.10 5.99 -13.77
N GLY A 300 -15.99 4.74 -13.32
CA GLY A 300 -14.68 4.09 -13.15
C GLY A 300 -14.38 3.10 -14.28
N ALA A 301 -13.43 2.18 -14.01
CA ALA A 301 -13.07 1.13 -14.94
C ALA A 301 -14.23 0.30 -15.42
N ALA A 302 -15.21 0.08 -14.58
CA ALA A 302 -16.36 -0.73 -14.97
C ALA A 302 -17.43 0.19 -15.62
N ALA A 303 -17.43 0.20 -16.96
CA ALA A 303 -18.39 0.95 -17.73
C ALA A 303 -19.86 0.60 -17.40
N ASP A 304 -20.13 -0.65 -17.07
CA ASP A 304 -21.50 -1.09 -16.87
C ASP A 304 -22.02 -0.93 -15.43
N LYS A 305 -21.27 -0.21 -14.59
CA LYS A 305 -21.52 -0.23 -13.14
C LYS A 305 -21.56 1.16 -12.53
N GLY A 306 -22.19 1.25 -11.36
CA GLY A 306 -22.38 2.53 -10.69
C GLY A 306 -23.84 2.88 -10.50
N ASP A 307 -24.22 3.05 -9.24
CA ASP A 307 -25.54 3.46 -8.92
C ASP A 307 -25.47 4.83 -8.16
N PRO A 308 -25.74 5.93 -8.86
CA PRO A 308 -25.63 7.27 -8.19
C PRO A 308 -26.69 7.57 -7.14
N VAL A 309 -27.66 6.68 -6.94
CA VAL A 309 -28.63 6.87 -5.88
C VAL A 309 -28.19 6.11 -4.65
N ASN A 310 -27.82 4.85 -4.86
CA ASN A 310 -27.44 4.00 -3.76
C ASN A 310 -25.95 3.87 -3.37
N ASP A 311 -25.02 4.20 -4.27
CA ASP A 311 -23.61 3.88 -4.01
C ASP A 311 -23.12 4.74 -2.82
N GLY A 312 -23.43 6.04 -2.86
CA GLY A 312 -23.12 6.96 -1.79
C GLY A 312 -23.61 6.51 -0.41
N PRO A 313 -24.93 6.28 -0.25
CA PRO A 313 -25.41 5.73 1.03
C PRO A 313 -24.67 4.42 1.38
N ALA A 314 -24.36 3.60 0.39
CA ALA A 314 -23.69 2.35 0.73
C ALA A 314 -22.27 2.63 1.18
N TYR A 315 -21.64 3.65 0.60
CA TYR A 315 -20.29 3.96 0.97
C TYR A 315 -20.24 4.40 2.43
N ILE A 316 -21.19 5.25 2.80
CA ILE A 316 -21.28 5.82 4.16
C ILE A 316 -21.57 4.70 5.16
N ALA A 317 -22.55 3.83 4.85
CA ALA A 317 -22.85 2.65 5.67
C ALA A 317 -21.62 1.76 5.85
N LEU A 318 -20.90 1.54 4.75
CA LEU A 318 -19.59 0.86 4.76
C LEU A 318 -18.62 1.53 5.74
N MET A 319 -18.41 2.83 5.64
CA MET A 319 -17.50 3.51 6.56
C MET A 319 -17.94 3.32 8.03
N ARG A 320 -19.25 3.44 8.30
CA ARG A 320 -19.77 3.24 9.68
C ARG A 320 -19.50 1.79 10.16
N GLU A 321 -19.79 0.82 9.28
CA GLU A 321 -19.59 -0.56 9.69
C GLU A 321 -18.13 -0.91 9.86
N LEU A 322 -17.24 -0.27 9.08
CA LEU A 322 -15.79 -0.41 9.27
C LEU A 322 -15.35 0.19 10.56
N ARG A 323 -15.88 1.35 10.90
CA ARG A 323 -15.41 2.00 12.10
C ARG A 323 -15.93 1.21 13.32
N VAL A 324 -17.16 0.70 13.26
CA VAL A 324 -17.62 -0.20 14.32
C VAL A 324 -16.69 -1.40 14.53
N MET A 325 -16.31 -2.08 13.44
CA MET A 325 -15.47 -3.27 13.53
C MET A 325 -14.07 -2.88 14.05
N LEU A 326 -13.63 -1.68 13.69
CA LEU A 326 -12.32 -1.22 14.09
C LEU A 326 -12.27 -0.85 15.57
N ASP A 327 -13.39 -0.33 16.07
CA ASP A 327 -13.58 -0.05 17.50
C ASP A 327 -13.40 -1.32 18.34
N GLU A 328 -14.01 -2.43 17.87
CA GLU A 328 -13.79 -3.70 18.54
C GLU A 328 -12.32 -4.13 18.47
N LEU A 329 -11.61 -3.92 17.36
CA LEU A 329 -10.19 -4.32 17.34
C LEU A 329 -9.35 -3.50 18.30
N GLU A 330 -9.62 -2.20 18.36
CA GLU A 330 -9.05 -1.34 19.39
C GLU A 330 -9.39 -1.85 20.80
N ALA A 331 -10.65 -2.25 21.02
CA ALA A 331 -11.02 -2.83 22.28
C ALA A 331 -10.09 -4.01 22.60
N GLU A 332 -10.07 -5.05 21.75
CA GLU A 332 -9.31 -6.25 22.08
C GLU A 332 -7.81 -6.08 22.15
N THR A 333 -7.22 -5.08 21.51
CA THR A 333 -5.77 -5.09 21.38
C THR A 333 -5.12 -3.93 22.07
N GLY A 334 -5.87 -2.89 22.38
CA GLY A 334 -5.30 -1.68 22.99
C GLY A 334 -4.69 -0.72 21.98
N ARG A 335 -4.75 -1.04 20.68
CA ARG A 335 -4.13 -0.18 19.64
C ARG A 335 -5.12 0.83 19.05
N THR A 336 -4.60 1.87 18.42
CA THR A 336 -5.39 2.77 17.57
C THR A 336 -5.39 2.24 16.13
N TYR A 337 -6.59 2.03 15.56
CA TYR A 337 -6.81 1.70 14.15
C TYR A 337 -7.34 2.86 13.37
N GLU A 338 -6.76 3.10 12.18
CA GLU A 338 -7.20 4.22 11.35
C GLU A 338 -8.08 3.80 10.20
N LEU A 339 -9.12 4.58 9.92
CA LEU A 339 -9.93 4.36 8.75
C LEU A 339 -9.74 5.51 7.78
N THR A 340 -9.28 5.23 6.58
CA THR A 340 -9.01 6.29 5.58
C THR A 340 -9.66 5.92 4.24
N SER A 341 -9.60 6.78 3.23
CA SER A 341 -10.20 6.44 1.97
C SER A 341 -9.66 7.37 0.88
N ALA A 342 -9.25 6.83 -0.27
CA ALA A 342 -8.81 7.68 -1.39
C ALA A 342 -9.97 7.91 -2.31
N ILE A 343 -10.22 9.14 -2.75
CA ILE A 343 -11.49 9.42 -3.46
C ILE A 343 -11.24 10.27 -4.72
N GLY A 344 -12.17 10.16 -5.67
CA GLY A 344 -12.06 10.96 -6.86
C GLY A 344 -12.46 12.38 -6.46
N VAL A 345 -11.91 13.37 -7.13
CA VAL A 345 -12.31 14.72 -6.80
C VAL A 345 -12.96 15.49 -7.97
N GLY A 346 -13.26 14.84 -9.10
CA GLY A 346 -14.12 15.54 -10.07
C GLY A 346 -15.50 15.87 -9.47
N TYR A 347 -16.05 17.05 -9.76
CA TYR A 347 -17.42 17.40 -9.28
C TYR A 347 -18.34 16.22 -9.45
N ASP A 348 -18.25 15.52 -10.58
CA ASP A 348 -19.16 14.41 -10.86
C ASP A 348 -18.95 13.19 -9.98
N LYS A 349 -17.75 13.04 -9.45
CA LYS A 349 -17.51 12.00 -8.44
C LYS A 349 -17.98 12.46 -7.06
N ILE A 350 -17.60 13.68 -6.71
CA ILE A 350 -17.97 14.24 -5.41
C ILE A 350 -19.48 14.30 -5.13
N GLU A 351 -20.28 14.69 -6.12
CA GLU A 351 -21.70 14.96 -5.91
C GLU A 351 -22.47 13.65 -5.61
N ASP A 352 -21.80 12.51 -5.73
CA ASP A 352 -22.47 11.24 -5.57
C ASP A 352 -22.32 10.69 -4.15
N VAL A 353 -21.56 11.37 -3.29
CA VAL A 353 -21.40 10.91 -1.91
C VAL A 353 -21.56 12.10 -0.95
N ASP A 354 -22.34 11.91 0.12
CA ASP A 354 -22.28 12.87 1.18
C ASP A 354 -21.05 12.58 2.03
N TYR A 355 -19.95 13.22 1.67
CA TYR A 355 -18.68 13.00 2.36
C TYR A 355 -18.64 13.58 3.75
N ALA A 356 -19.37 14.67 3.93
CA ALA A 356 -19.46 15.22 5.25
C ALA A 356 -20.05 14.13 6.20
N ASP A 357 -21.06 13.41 5.74
CA ASP A 357 -21.62 12.29 6.49
C ASP A 357 -20.53 11.16 6.70
N ALA A 358 -19.87 10.72 5.61
CA ALA A 358 -18.92 9.62 5.72
C ALA A 358 -17.70 9.99 6.55
N VAL A 359 -17.25 11.23 6.43
CA VAL A 359 -16.00 11.53 7.05
C VAL A 359 -16.06 11.49 8.55
N GLN A 360 -17.24 11.49 9.17
CA GLN A 360 -17.24 11.51 10.66
C GLN A 360 -16.72 10.15 11.18
N TYR A 361 -16.77 9.14 10.32
CA TYR A 361 -16.30 7.83 10.70
C TYR A 361 -14.83 7.63 10.44
N MET A 362 -14.21 8.61 9.82
CA MET A 362 -12.91 8.36 9.20
C MET A 362 -11.87 9.22 9.82
N ASP A 363 -10.64 8.75 9.83
CA ASP A 363 -9.50 9.62 10.15
C ASP A 363 -9.08 10.60 9.02
N TYR A 364 -8.99 10.13 7.77
CA TYR A 364 -8.52 10.98 6.64
C TYR A 364 -9.15 10.64 5.32
N ILE A 365 -9.13 11.58 4.40
CA ILE A 365 -9.60 11.35 3.04
C ILE A 365 -8.39 11.74 2.23
N PHE A 366 -7.89 10.81 1.42
CA PHE A 366 -6.85 11.11 0.48
C PHE A 366 -7.51 11.56 -0.79
N ALA A 367 -7.44 12.85 -1.03
CA ALA A 367 -8.03 13.42 -2.22
C ALA A 367 -7.21 13.05 -3.47
N MET A 368 -7.72 12.25 -4.39
CA MET A 368 -6.86 11.86 -5.52
CA MET A 368 -6.88 11.86 -5.53
C MET A 368 -6.78 13.04 -6.49
N THR A 369 -5.95 14.01 -6.13
CA THR A 369 -5.88 15.26 -6.91
C THR A 369 -4.89 15.11 -8.09
N TYR A 370 -5.14 14.10 -8.92
CA TYR A 370 -4.28 13.84 -10.09
C TYR A 370 -5.14 13.10 -11.06
N ASP A 371 -4.55 12.75 -12.19
CA ASP A 371 -5.28 12.10 -13.26
C ASP A 371 -6.43 12.94 -13.72
N PHE A 372 -6.28 14.25 -13.79
CA PHE A 372 -7.38 15.06 -14.29
C PHE A 372 -7.52 14.90 -15.82
N TYR A 373 -6.40 14.63 -16.48
CA TYR A 373 -6.28 14.51 -17.95
C TYR A 373 -5.26 13.38 -18.13
N GLY A 374 -5.16 12.80 -19.31
CA GLY A 374 -4.29 11.63 -19.49
C GLY A 374 -4.56 10.95 -20.81
N GLY A 375 -3.79 9.90 -21.08
CA GLY A 375 -3.76 9.30 -22.39
C GLY A 375 -5.01 8.54 -22.85
N TRP A 376 -6.01 8.37 -21.97
CA TRP A 376 -7.31 7.85 -22.40
C TRP A 376 -7.99 8.60 -23.57
N ASN A 377 -7.68 9.89 -23.75
CA ASN A 377 -8.20 10.60 -24.90
C ASN A 377 -7.20 11.61 -25.50
N ASN A 378 -7.62 12.34 -26.52
CA ASN A 378 -6.66 13.17 -27.24
C ASN A 378 -6.65 14.65 -26.85
N VAL A 379 -7.21 14.94 -25.67
CA VAL A 379 -7.35 16.29 -25.16
C VAL A 379 -6.26 16.47 -24.08
N PRO A 380 -5.23 17.24 -24.41
CA PRO A 380 -4.26 17.60 -23.40
C PRO A 380 -4.85 18.49 -22.27
N GLY A 381 -4.22 18.44 -21.10
CA GLY A 381 -4.58 19.20 -19.90
C GLY A 381 -3.52 18.94 -18.79
N HIS A 382 -3.53 19.77 -17.74
CA HIS A 382 -2.71 19.47 -16.56
C HIS A 382 -3.31 18.38 -15.72
N GLN A 383 -2.63 17.23 -15.62
CA GLN A 383 -3.25 16.08 -14.86
C GLN A 383 -3.34 16.34 -13.33
N THR A 384 -2.53 17.25 -12.80
CA THR A 384 -2.46 17.34 -11.39
C THR A 384 -2.35 18.83 -10.95
N ALA A 385 -2.92 19.75 -11.76
CA ALA A 385 -2.87 21.22 -11.42
C ALA A 385 -3.68 21.58 -10.19
N LEU A 386 -3.28 22.66 -9.53
CA LEU A 386 -3.97 23.24 -8.38
C LEU A 386 -5.15 24.08 -8.86
N TYR A 387 -4.92 24.86 -9.93
CA TYR A 387 -5.86 25.87 -10.39
C TYR A 387 -6.13 25.71 -11.85
N CYS A 388 -7.08 26.47 -12.39
CA CYS A 388 -7.39 26.36 -13.79
C CYS A 388 -6.26 26.93 -14.61
N GLY A 389 -5.85 26.19 -15.62
CA GLY A 389 -4.84 26.68 -16.51
C GLY A 389 -5.31 27.61 -17.63
N SER A 390 -4.31 28.28 -18.16
CA SER A 390 -4.46 29.23 -19.20
C SER A 390 -5.22 28.63 -20.40
N PHE A 391 -5.08 27.33 -20.64
CA PHE A 391 -5.62 26.71 -21.85
C PHE A 391 -7.15 26.60 -21.79
N MET A 392 -7.70 26.77 -20.61
CA MET A 392 -9.14 26.62 -20.43
C MET A 392 -9.92 27.77 -21.03
N ARG A 393 -11.09 27.43 -21.56
CA ARG A 393 -12.02 28.35 -22.22
C ARG A 393 -12.72 29.18 -21.17
N PRO A 394 -13.31 30.33 -21.56
CA PRO A 394 -13.98 31.20 -20.57
C PRO A 394 -15.19 30.49 -20.01
N GLY A 395 -15.38 30.58 -18.69
CA GLY A 395 -16.45 29.82 -18.01
C GLY A 395 -16.21 28.31 -17.88
N GLN A 396 -15.04 27.82 -18.29
CA GLN A 396 -14.74 26.39 -18.12
C GLN A 396 -14.31 26.10 -16.67
N CYS A 397 -13.55 27.03 -16.09
CA CYS A 397 -13.00 26.84 -14.74
C CYS A 397 -14.10 26.56 -13.69
N ASP A 398 -15.19 27.32 -13.72
CA ASP A 398 -16.24 27.10 -12.73
C ASP A 398 -17.46 26.35 -13.31
N GLY A 399 -17.43 26.11 -14.62
CA GLY A 399 -18.50 25.38 -15.26
C GLY A 399 -19.66 26.29 -15.61
N GLY A 400 -19.44 27.61 -15.54
CA GLY A 400 -20.43 28.62 -15.89
C GLY A 400 -20.73 28.83 -17.38
N GLY A 401 -19.91 28.27 -18.29
CA GLY A 401 -19.98 28.60 -19.72
C GLY A 401 -20.26 27.47 -20.69
N VAL A 402 -19.70 27.60 -21.91
CA VAL A 402 -19.93 26.64 -23.02
C VAL A 402 -18.66 26.31 -23.80
N ASP A 403 -18.61 25.12 -24.39
CA ASP A 403 -17.44 24.68 -25.14
C ASP A 403 -17.51 25.05 -26.63
N GLU A 404 -16.76 24.33 -27.47
CA GLU A 404 -16.68 24.62 -28.92
C GLU A 404 -17.84 24.07 -29.77
N ASN A 405 -18.81 23.44 -29.12
CA ASN A 405 -20.10 23.19 -29.76
C ASN A 405 -21.06 24.30 -29.34
N GLY A 406 -20.72 24.98 -28.24
CA GLY A 406 -21.67 25.84 -27.55
C GLY A 406 -22.47 25.02 -26.54
N GLU A 407 -22.03 23.76 -26.34
CA GLU A 407 -22.57 22.89 -25.30
C GLU A 407 -22.16 23.35 -23.89
N PRO A 408 -23.11 23.32 -22.91
CA PRO A 408 -22.78 23.92 -21.60
C PRO A 408 -21.81 23.03 -20.81
N TYR A 409 -20.92 23.63 -20.04
CA TYR A 409 -20.09 22.83 -19.13
C TYR A 409 -20.99 22.26 -18.04
N LYS A 410 -20.79 20.98 -17.74
CA LYS A 410 -21.68 20.32 -16.78
C LYS A 410 -21.32 20.67 -15.33
N GLY A 411 -20.07 21.08 -15.07
CA GLY A 411 -19.64 21.36 -13.68
C GLY A 411 -18.26 21.95 -13.65
N PRO A 412 -17.73 22.27 -12.45
CA PRO A 412 -16.37 22.89 -12.49
C PRO A 412 -15.30 21.95 -13.10
N ALA A 413 -14.33 22.55 -13.75
CA ALA A 413 -13.23 21.87 -14.35
C ALA A 413 -12.49 21.04 -13.30
N TYR A 414 -11.85 19.99 -13.79
CA TYR A 414 -11.00 19.11 -12.97
C TYR A 414 -9.66 19.75 -12.60
N THR A 415 -9.60 20.25 -11.36
CA THR A 415 -8.40 20.82 -10.77
C THR A 415 -8.44 20.44 -9.30
N ALA A 416 -7.28 20.50 -8.63
CA ALA A 416 -7.17 20.18 -7.23
C ALA A 416 -8.03 21.12 -6.39
N ASP A 417 -7.84 22.42 -6.61
CA ASP A 417 -8.55 23.40 -5.84
C ASP A 417 -10.06 23.23 -6.01
N ASN A 418 -10.55 23.03 -7.23
CA ASN A 418 -11.99 22.87 -7.40
C ASN A 418 -12.53 21.67 -6.60
N GLY A 419 -11.68 20.66 -6.41
CA GLY A 419 -12.10 19.47 -5.71
C GLY A 419 -12.11 19.72 -4.22
N ILE A 420 -11.05 20.37 -3.73
CA ILE A 420 -10.97 20.59 -2.31
C ILE A 420 -12.12 21.49 -1.90
N GLN A 421 -12.41 22.47 -2.75
CA GLN A 421 -13.49 23.41 -2.45
C GLN A 421 -14.82 22.68 -2.39
N LEU A 422 -15.04 21.73 -3.28
CA LEU A 422 -16.34 21.07 -3.29
C LEU A 422 -16.50 20.23 -2.02
N LEU A 423 -15.40 19.72 -1.50
CA LEU A 423 -15.46 18.87 -0.35
C LEU A 423 -15.67 19.76 0.89
N LEU A 424 -15.05 20.94 0.88
CA LEU A 424 -15.21 21.86 2.02
C LEU A 424 -16.64 22.37 2.09
N ALA A 425 -17.21 22.68 0.94
CA ALA A 425 -18.57 23.15 0.84
C ALA A 425 -19.63 22.12 1.32
N GLN A 426 -19.39 20.83 1.09
CA GLN A 426 -20.21 19.76 1.64
C GLN A 426 -20.12 19.70 3.22
N GLY A 427 -19.07 20.29 3.79
CA GLY A 427 -18.86 20.29 5.23
C GLY A 427 -17.77 19.33 5.72
N VAL A 428 -16.93 18.79 4.82
CA VAL A 428 -15.77 18.00 5.26
C VAL A 428 -14.76 18.93 5.97
N PRO A 429 -14.28 18.56 7.18
CA PRO A 429 -13.28 19.45 7.80
C PRO A 429 -11.96 19.45 7.08
N ALA A 430 -11.40 20.64 6.93
CA ALA A 430 -10.09 20.79 6.30
C ALA A 430 -9.06 19.84 6.89
N ASN A 431 -9.08 19.64 8.20
CA ASN A 431 -7.99 18.87 8.78
C ASN A 431 -8.20 17.39 8.64
N LYS A 432 -9.22 16.99 7.89
CA LYS A 432 -9.27 15.58 7.52
C LYS A 432 -8.84 15.32 6.08
N LEU A 433 -8.59 16.40 5.31
CA LEU A 433 -8.28 16.26 3.90
C LEU A 433 -6.77 16.19 3.67
N VAL A 434 -6.34 15.15 2.97
CA VAL A 434 -4.95 15.08 2.51
C VAL A 434 -4.92 15.31 0.99
N LEU A 435 -4.02 16.19 0.56
CA LEU A 435 -3.95 16.63 -0.80
C LEU A 435 -2.92 15.77 -1.55
N GLY A 436 -3.20 15.41 -2.80
CA GLY A 436 -2.37 14.43 -3.45
C GLY A 436 -1.44 15.05 -4.46
N THR A 437 -0.22 14.50 -4.47
CA THR A 437 0.80 14.83 -5.44
CA THR A 437 0.79 14.84 -5.45
C THR A 437 1.10 13.60 -6.31
N ALA A 438 1.37 13.81 -7.60
CA ALA A 438 1.72 12.75 -8.52
C ALA A 438 3.25 12.60 -8.58
N MET A 439 3.75 11.37 -8.55
CA MET A 439 5.16 11.08 -8.84
C MET A 439 5.34 10.50 -10.24
N TYR A 440 4.57 11.01 -11.18
CA TYR A 440 4.59 10.51 -12.53
C TYR A 440 3.91 11.49 -13.41
N GLY A 441 4.09 11.33 -14.71
CA GLY A 441 3.43 12.22 -15.62
C GLY A 441 2.43 11.44 -16.41
N ARG A 442 1.46 12.14 -16.97
CA ARG A 442 0.73 11.50 -18.02
C ARG A 442 1.07 12.19 -19.32
N GLY A 443 0.92 11.47 -20.42
CA GLY A 443 1.40 12.02 -21.68
C GLY A 443 0.75 11.60 -22.99
N TRP A 444 1.08 12.37 -24.02
CA TRP A 444 0.56 12.17 -25.37
C TRP A 444 1.64 12.25 -26.46
N GLU A 445 1.37 11.55 -27.56
CA GLU A 445 2.07 11.72 -28.85
C GLU A 445 1.28 12.69 -29.71
N GLY A 446 1.96 13.31 -30.68
CA GLY A 446 1.32 14.02 -31.80
C GLY A 446 0.76 15.42 -31.57
N VAL A 447 1.17 16.08 -30.47
CA VAL A 447 0.74 17.45 -30.17
C VAL A 447 1.85 18.37 -30.68
N THR A 448 1.80 18.59 -31.99
CA THR A 448 2.81 19.35 -32.73
C THR A 448 2.30 20.80 -32.90
N PRO A 449 3.21 21.74 -33.16
CA PRO A 449 2.78 23.15 -33.35
C PRO A 449 1.52 23.38 -34.21
N ASP A 450 1.44 22.80 -35.39
CA ASP A 450 0.22 22.97 -36.19
C ASP A 450 -1.11 22.65 -35.47
N THR A 451 -1.08 22.17 -34.22
CA THR A 451 -2.35 21.77 -33.53
C THR A 451 -2.80 22.75 -32.48
N LEU A 452 -1.87 23.63 -32.08
CA LEU A 452 -2.09 24.65 -31.04
C LEU A 452 -3.05 25.76 -31.49
N THR A 453 -3.88 26.22 -30.55
CA THR A 453 -4.70 27.41 -30.79
C THR A 453 -3.95 28.61 -30.26
N ASP A 454 -3.08 28.35 -29.29
CA ASP A 454 -2.14 29.35 -28.81
C ASP A 454 -0.73 28.79 -29.00
N PRO A 455 0.08 29.43 -29.86
CA PRO A 455 1.40 28.87 -30.20
C PRO A 455 2.38 28.72 -29.02
N ASN A 456 2.09 29.31 -27.87
CA ASN A 456 2.99 29.08 -26.70
C ASN A 456 2.47 28.10 -25.65
N ASP A 457 1.31 27.50 -25.91
CA ASP A 457 0.75 26.57 -24.96
C ASP A 457 0.32 25.25 -25.61
N PRO A 458 1.20 24.24 -25.47
CA PRO A 458 0.89 22.92 -26.01
C PRO A 458 -0.33 22.31 -25.36
N MET A 459 -0.83 22.89 -24.25
CA MET A 459 -2.08 22.38 -23.67
CA MET A 459 -2.08 22.37 -23.68
C MET A 459 -3.29 22.78 -24.51
N THR A 460 -3.04 23.60 -25.53
CA THR A 460 -4.14 24.03 -26.43
C THR A 460 -4.17 23.25 -27.71
N GLY A 461 -3.32 22.22 -27.81
CA GLY A 461 -3.22 21.41 -29.02
C GLY A 461 -4.02 20.15 -28.94
N THR A 462 -3.83 19.29 -29.92
CA THR A 462 -4.58 18.07 -30.02
C THR A 462 -3.58 16.96 -30.20
N ALA A 463 -3.83 15.84 -29.52
CA ALA A 463 -2.96 14.68 -29.54
C ALA A 463 -3.39 13.63 -30.57
N THR A 464 -2.43 12.84 -31.01
CA THR A 464 -2.74 11.64 -31.82
C THR A 464 -3.04 10.37 -30.98
N GLY A 465 -2.40 10.23 -29.82
CA GLY A 465 -2.67 9.09 -28.91
C GLY A 465 -1.80 9.15 -27.67
N LYS A 466 -1.65 8.02 -26.97
CA LYS A 466 -0.93 8.07 -25.70
C LYS A 466 0.55 8.11 -25.99
N LEU A 467 1.34 8.68 -25.07
CA LEU A 467 2.78 8.55 -25.07
C LEU A 467 3.22 7.06 -25.06
N LYS A 468 4.10 6.66 -25.98
CA LYS A 468 4.75 5.33 -25.91
C LYS A 468 6.21 5.52 -25.55
N GLY A 469 6.74 4.61 -24.72
CA GLY A 469 8.16 4.62 -24.38
C GLY A 469 8.56 3.27 -23.80
N SER A 470 9.82 3.10 -23.42
CA SER A 470 10.20 1.85 -22.81
C SER A 470 10.29 1.93 -21.29
N THR A 471 10.22 0.75 -20.67
CA THR A 471 10.47 0.62 -19.22
C THR A 471 11.86 1.19 -18.77
N ALA A 472 12.82 1.27 -19.69
CA ALA A 472 14.14 1.83 -19.39
C ALA A 472 14.04 3.35 -19.15
N GLN A 473 13.14 4.01 -19.90
CA GLN A 473 12.83 5.42 -19.65
C GLN A 473 11.68 5.61 -18.59
N GLY A 474 11.33 4.54 -17.87
CA GLY A 474 10.27 4.60 -16.86
C GLY A 474 8.85 4.59 -17.43
N VAL A 475 8.68 4.12 -18.66
CA VAL A 475 7.31 4.01 -19.16
C VAL A 475 6.84 2.59 -18.90
N TRP A 476 6.05 2.38 -17.85
CA TRP A 476 5.58 1.02 -17.58
C TRP A 476 4.27 0.71 -18.25
N GLU A 477 3.48 1.72 -18.61
CA GLU A 477 2.38 1.50 -19.56
C GLU A 477 2.14 2.74 -20.42
N ASP A 478 1.42 2.56 -21.53
CA ASP A 478 1.19 3.63 -22.48
C ASP A 478 0.56 4.82 -21.75
N GLY A 479 1.17 5.97 -21.98
CA GLY A 479 0.70 7.23 -21.49
C GLY A 479 1.10 7.57 -20.08
N VAL A 480 2.00 6.79 -19.47
CA VAL A 480 2.38 7.05 -18.08
C VAL A 480 3.87 6.88 -17.94
N ILE A 481 4.49 7.81 -17.21
CA ILE A 481 5.94 7.75 -17.05
C ILE A 481 6.32 8.19 -15.65
N ASP A 482 7.18 7.38 -15.00
CA ASP A 482 7.67 7.70 -13.67
C ASP A 482 8.30 9.09 -13.62
N TYR A 483 8.20 9.75 -12.47
CA TYR A 483 8.84 11.02 -12.33
C TYR A 483 10.34 10.86 -12.55
N LYS A 484 10.95 9.82 -11.99
CA LYS A 484 12.42 9.68 -12.15
C LYS A 484 12.79 9.48 -13.63
N GLY A 485 11.87 8.94 -14.41
CA GLY A 485 12.07 8.86 -15.85
C GLY A 485 12.00 10.21 -16.55
N ILE A 486 11.16 11.11 -16.05
CA ILE A 486 10.99 12.41 -16.68
C ILE A 486 12.25 13.16 -16.40
N LYS A 487 12.75 13.04 -15.19
CA LYS A 487 13.90 13.80 -14.80
C LYS A 487 15.15 13.29 -15.53
N SER A 488 15.33 11.99 -15.57
CA SER A 488 16.51 11.44 -16.25
C SER A 488 16.56 11.69 -17.75
N PHE A 489 15.42 11.60 -18.43
CA PHE A 489 15.40 11.48 -19.88
C PHE A 489 14.77 12.63 -20.64
N MET A 490 14.10 13.56 -19.94
CA MET A 490 13.40 14.71 -20.55
CA MET A 490 13.46 14.71 -20.59
C MET A 490 13.83 16.04 -19.96
N LEU A 491 14.16 16.04 -18.68
CA LEU A 491 14.44 17.32 -18.01
C LEU A 491 15.93 17.56 -17.96
N GLY A 492 16.67 16.52 -17.57
CA GLY A 492 18.12 16.59 -17.33
C GLY A 492 18.44 17.29 -16.03
N ALA A 493 19.71 17.25 -15.63
CA ALA A 493 20.17 17.81 -14.34
C ALA A 493 19.80 19.26 -14.12
N ASN A 494 19.77 20.06 -15.18
CA ASN A 494 19.48 21.46 -14.96
C ASN A 494 18.01 21.90 -15.10
N ASN A 495 17.11 20.96 -15.37
CA ASN A 495 15.66 21.22 -15.52
C ASN A 495 15.35 22.13 -16.71
N THR A 496 16.26 22.11 -17.67
CA THR A 496 16.19 23.01 -18.78
C THR A 496 15.55 22.30 -19.97
N GLY A 497 15.75 20.97 -20.07
CA GLY A 497 15.17 20.13 -21.17
C GLY A 497 16.25 19.43 -22.00
N ILE A 498 16.07 18.15 -22.31
CA ILE A 498 17.10 17.40 -23.03
C ILE A 498 16.39 16.49 -24.02
N ASN A 499 17.16 15.77 -24.84
CA ASN A 499 16.61 14.96 -25.93
C ASN A 499 15.43 15.51 -26.70
N GLY A 500 15.40 16.83 -26.96
CA GLY A 500 14.34 17.42 -27.82
C GLY A 500 13.16 17.96 -27.01
N PHE A 501 13.27 17.88 -25.68
CA PHE A 501 12.18 18.34 -24.80
C PHE A 501 12.39 19.75 -24.25
N GLU A 502 11.32 20.54 -24.19
CA GLU A 502 11.41 21.77 -23.44
C GLU A 502 10.54 21.69 -22.20
N TYR A 503 11.01 22.37 -21.16
CA TYR A 503 10.30 22.54 -19.90
C TYR A 503 9.45 23.77 -19.92
N GLY A 504 8.16 23.63 -19.61
CA GLY A 504 7.23 24.78 -19.50
C GLY A 504 6.55 24.72 -18.14
N TYR A 505 6.05 25.86 -17.66
CA TYR A 505 5.33 25.91 -16.39
C TYR A 505 4.13 26.83 -16.56
N ASP A 506 2.91 26.34 -16.29
CA ASP A 506 1.73 27.20 -16.33
C ASP A 506 1.55 27.80 -14.92
N ALA A 507 2.05 29.04 -14.74
CA ALA A 507 1.97 29.78 -13.47
C ALA A 507 0.57 30.00 -12.89
N GLN A 508 -0.42 30.10 -13.76
CA GLN A 508 -1.81 30.23 -13.38
C GLN A 508 -2.37 28.91 -12.76
N ALA A 509 -2.08 27.77 -13.41
CA ALA A 509 -2.52 26.45 -12.98
C ALA A 509 -1.62 25.93 -11.84
N GLU A 510 -0.37 26.42 -11.78
CA GLU A 510 0.70 25.75 -11.00
C GLU A 510 0.99 24.31 -11.55
N ALA A 511 1.48 24.22 -12.79
CA ALA A 511 1.67 22.93 -13.43
C ALA A 511 2.79 22.97 -14.47
N PRO A 512 3.77 22.07 -14.32
CA PRO A 512 4.87 21.94 -15.26
C PRO A 512 4.50 21.01 -16.42
N TRP A 513 5.22 21.16 -17.53
CA TRP A 513 5.10 20.21 -18.63
C TRP A 513 6.47 20.11 -19.30
N VAL A 514 6.64 19.00 -20.00
CA VAL A 514 7.74 18.90 -20.93
C VAL A 514 7.17 18.56 -22.29
N TRP A 515 7.77 19.16 -23.31
CA TRP A 515 7.24 19.08 -24.67
C TRP A 515 8.36 18.91 -25.67
N ASN A 516 8.17 17.98 -26.58
CA ASN A 516 9.07 17.77 -27.69
C ASN A 516 8.23 18.20 -28.89
N ARG A 517 8.52 19.39 -29.39
CA ARG A 517 7.85 19.92 -30.59
C ARG A 517 7.72 18.94 -31.78
N SER A 518 8.78 18.17 -32.10
CA SER A 518 8.73 17.37 -33.34
C SER A 518 8.03 16.02 -33.26
N THR A 519 8.09 15.34 -32.13
CA THR A 519 7.30 14.11 -32.02
C THR A 519 5.93 14.49 -31.49
N GLY A 520 5.85 15.72 -30.98
CA GLY A 520 4.65 16.18 -30.29
C GLY A 520 4.40 15.35 -29.03
N GLU A 521 5.46 14.85 -28.38
CA GLU A 521 5.37 14.21 -27.06
C GLU A 521 5.14 15.29 -26.01
N LEU A 522 4.03 15.16 -25.29
CA LEU A 522 3.73 16.12 -24.20
C LEU A 522 3.39 15.41 -22.90
N ILE A 523 4.09 15.80 -21.84
CA ILE A 523 3.93 15.17 -20.55
C ILE A 523 3.60 16.18 -19.47
N THR A 524 2.49 15.92 -18.79
CA THR A 524 2.01 16.73 -17.66
C THR A 524 2.33 15.97 -16.36
N PHE A 525 2.84 16.67 -15.35
CA PHE A 525 3.33 16.04 -14.12
C PHE A 525 3.44 17.03 -12.96
N ASP A 526 4.03 16.59 -11.84
CA ASP A 526 4.32 17.43 -10.67
C ASP A 526 5.85 17.59 -10.53
N ASP A 527 6.31 18.81 -10.27
CA ASP A 527 7.74 19.01 -10.01
C ASP A 527 7.87 19.81 -8.75
N HIS A 528 9.11 20.12 -8.42
CA HIS A 528 9.45 20.86 -7.24
C HIS A 528 8.59 22.14 -7.08
N ARG A 529 8.44 22.92 -8.14
CA ARG A 529 7.71 24.16 -8.05
C ARG A 529 6.22 23.98 -7.68
N SER A 530 5.58 22.99 -8.29
CA SER A 530 4.14 22.81 -8.12
C SER A 530 3.84 22.06 -6.82
N VAL A 531 4.82 21.30 -6.31
CA VAL A 531 4.62 20.66 -5.02
C VAL A 531 4.75 21.68 -3.88
N LEU A 532 5.74 22.57 -3.99
CA LEU A 532 5.76 23.77 -3.14
C LEU A 532 4.41 24.53 -3.16
N ALA A 533 3.83 24.75 -4.34
CA ALA A 533 2.53 25.42 -4.37
C ALA A 533 1.45 24.59 -3.68
N LYS A 534 1.49 23.27 -3.84
CA LYS A 534 0.55 22.42 -3.14
C LYS A 534 0.70 22.45 -1.62
N GLY A 535 1.93 22.42 -1.13
CA GLY A 535 2.21 22.51 0.29
C GLY A 535 1.70 23.84 0.80
N ASN A 536 1.99 24.90 0.07
CA ASN A 536 1.47 26.21 0.46
C ASN A 536 -0.07 26.21 0.51
N TYR A 537 -0.70 25.62 -0.50
CA TYR A 537 -2.13 25.56 -0.52
C TYR A 537 -2.66 24.77 0.71
N ALA A 538 -1.99 23.68 1.03
CA ALA A 538 -2.36 22.87 2.18
C ALA A 538 -2.21 23.62 3.48
N LYS A 539 -1.10 24.37 3.66
CA LYS A 539 -0.94 25.19 4.88
C LYS A 539 -2.04 26.21 4.97
N SER A 540 -2.25 26.91 3.87
CA SER A 540 -3.26 27.95 3.74
C SER A 540 -4.58 27.51 4.24
N LEU A 541 -4.97 26.27 3.91
CA LEU A 541 -6.32 25.88 4.25
C LEU A 541 -6.43 25.07 5.52
N GLY A 542 -5.33 24.68 6.15
CA GLY A 542 -5.42 23.78 7.31
C GLY A 542 -5.71 22.31 6.95
N LEU A 543 -5.40 21.95 5.71
CA LEU A 543 -5.41 20.55 5.28
C LEU A 543 -4.52 19.66 6.16
N ALA A 544 -4.85 18.37 6.24
CA ALA A 544 -4.13 17.41 7.11
C ALA A 544 -2.68 17.24 6.67
N GLY A 545 -2.40 17.47 5.39
CA GLY A 545 -1.04 17.23 4.85
C GLY A 545 -1.10 16.85 3.38
N LEU A 546 -0.10 16.09 2.99
CA LEU A 546 0.07 15.65 1.60
C LEU A 546 0.34 14.15 1.51
N PHE A 547 -0.06 13.61 0.38
CA PHE A 547 0.32 12.27 0.02
C PHE A 547 0.65 12.23 -1.46
N SER A 548 1.16 11.08 -1.85
CA SER A 548 1.70 10.89 -3.17
C SER A 548 1.51 9.47 -3.67
N TRP A 549 1.62 9.34 -4.98
N TRP A 549 1.37 9.37 -4.98
CA TRP A 549 1.23 8.17 -5.71
CA TRP A 549 1.29 8.11 -5.64
C TRP A 549 2.29 8.23 -6.83
C TRP A 549 2.35 8.27 -6.73
N GLU A 550 3.30 7.35 -6.86
CA GLU A 550 3.48 6.19 -5.99
C GLU A 550 5.00 6.24 -5.72
N ILE A 551 5.44 5.69 -4.61
CA ILE A 551 6.75 6.02 -4.09
C ILE A 551 7.94 5.51 -4.94
N ASP A 552 7.81 4.35 -5.56
CA ASP A 552 8.85 3.80 -6.42
C ASP A 552 9.22 4.69 -7.63
N ALA A 553 8.30 5.52 -8.09
CA ALA A 553 8.52 6.39 -9.24
C ALA A 553 9.31 7.69 -8.92
N ASP A 554 9.50 8.00 -7.63
CA ASP A 554 10.23 9.20 -7.20
C ASP A 554 11.74 8.90 -7.13
N ASN A 555 12.57 9.89 -7.44
CA ASN A 555 14.03 9.83 -7.18
C ASN A 555 14.44 10.53 -5.87
N GLY A 556 13.45 11.03 -5.09
CA GLY A 556 13.76 11.87 -3.95
C GLY A 556 13.15 13.26 -4.05
N ASP A 557 13.12 13.83 -5.24
CA ASP A 557 12.70 15.23 -5.50
C ASP A 557 11.25 15.49 -5.08
N ILE A 558 10.32 14.62 -5.46
CA ILE A 558 8.94 14.89 -5.10
C ILE A 558 8.74 14.86 -3.57
N LEU A 559 9.22 13.81 -2.90
CA LEU A 559 9.03 13.75 -1.47
C LEU A 559 9.78 14.92 -0.80
N ASN A 560 10.98 15.26 -1.29
CA ASN A 560 11.70 16.39 -0.74
C ASN A 560 10.88 17.63 -0.84
N ALA A 561 10.36 17.88 -2.04
CA ALA A 561 9.52 19.05 -2.28
C ALA A 561 8.28 18.98 -1.43
N MET A 562 7.78 17.77 -1.13
CA MET A 562 6.63 17.72 -0.22
C MET A 562 6.94 18.29 1.14
N HIS A 563 8.12 18.02 1.65
CA HIS A 563 8.49 18.43 3.02
C HIS A 563 8.80 19.96 3.04
N GLU A 564 9.61 20.38 2.08
CA GLU A 564 9.87 21.80 1.83
C GLU A 564 8.61 22.70 1.67
N GLY A 565 7.60 22.23 0.95
CA GLY A 565 6.40 23.06 0.76
C GLY A 565 5.57 23.14 2.03
N MET A 566 5.78 22.21 2.96
CA MET A 566 5.01 22.26 4.19
C MET A 566 5.75 23.04 5.25
N ALA A 567 7.01 23.37 5.00
CA ALA A 567 7.77 24.17 5.97
C ALA A 567 7.36 25.63 5.87
C1 I5I B . -7.29 6.19 -15.81
C2 I5I B . -7.92 5.89 -17.04
C3 I5I B . -9.05 6.61 -17.50
C4 I5I B . -9.56 7.63 -16.68
C5 I5I B . -8.96 7.92 -15.45
C6 I5I B . -7.84 7.22 -15.01
C7 I5I B . -9.82 6.54 -18.61
C8 I5I B . -10.82 7.47 -18.54
O9 I5I B . -10.65 8.15 -17.36
C10 I5I B . -11.84 7.82 -19.47
N11 I5I B . -12.48 9.02 -19.46
C12 I5I B . -13.44 9.16 -20.58
C13 I5I B . -13.28 7.84 -21.32
N14 I5I B . -12.24 7.11 -20.55
N15 I5I B . -6.20 5.54 -15.31
C16 I5I B . -5.14 5.15 -16.03
S17 I5I B . -3.73 4.35 -15.36
C1 I5I C . -9.92 3.53 -15.43
C2 I5I C . -10.90 4.52 -15.25
C3 I5I C . -11.93 4.69 -16.20
C4 I5I C . -11.95 3.84 -17.32
C5 I5I C . -10.98 2.85 -17.51
C6 I5I C . -9.95 2.70 -16.56
C7 I5I C . -12.97 5.53 -16.31
C8 I5I C . -13.66 5.25 -17.43
O9 I5I C . -13.03 4.20 -18.07
C10 I5I C . -14.82 5.84 -17.98
N11 I5I C . -15.15 7.13 -17.92
C12 I5I C . -16.44 7.40 -18.61
C13 I5I C . -16.88 6.03 -19.10
N14 I5I C . -15.79 5.15 -18.63
N15 I5I C . -8.95 3.40 -14.51
C16 I5I C . -8.03 2.42 -14.51
S17 I5I C . -6.84 2.38 -13.29
C1 GOL D . -9.65 11.16 -10.84
O1 GOL D . -8.53 10.56 -10.19
C2 GOL D . -9.84 12.57 -10.28
O2 GOL D . -9.81 12.64 -8.85
C3 GOL D . -11.08 13.24 -10.91
O3 GOL D . -12.29 12.59 -10.55
#